data_6ARZ
#
_entry.id   6ARZ
#
_cell.length_a   98.137
_cell.length_b   63.959
_cell.length_c   59.701
_cell.angle_alpha   90.000
_cell.angle_beta   100.940
_cell.angle_gamma   90.000
#
_symmetry.space_group_name_H-M   'C 1 2 1'
#
loop_
_entity.id
_entity.type
_entity.pdbx_description
1 polymer 'Uncharacterized protein'
2 non-polymer GLYCEROL
3 non-polymer 'TETRAETHYLENE GLYCOL'
4 non-polymer 'BROMIDE ION'
5 water water
#
_entity_poly.entity_id   1
_entity_poly.type   'polypeptide(L)'
_entity_poly.pdbx_seq_one_letter_code
;(MSE)EKKLSDAQVALVAAWRKYPDLRESLEEAASILSLIVFQAETLSDQANELANYIRRQGLEEAEGACRNIDI(MSE)
RAKWVEVCGEVNQHGIRVYGDAIDRDVDLEHHHHHH
;
_entity_poly.pdbx_strand_id   A,B,C
#
loop_
_chem_comp.id
_chem_comp.type
_chem_comp.name
_chem_comp.formula
BR non-polymer 'BROMIDE ION' 'Br -1'
GOL non-polymer GLYCEROL 'C3 H8 O3'
PG4 non-polymer 'TETRAETHYLENE GLYCOL' 'C8 H18 O5'
#
# COMPACT_ATOMS: atom_id res chain seq x y z
N MSE A 1 -11.21 -11.94 19.15
CA MSE A 1 -10.40 -11.35 18.14
C MSE A 1 -10.99 -11.84 16.88
O MSE A 1 -10.26 -12.24 15.97
CB MSE A 1 -8.96 -11.74 18.29
CG MSE A 1 -8.25 -10.56 18.90
SE MSE A 1 -6.51 -10.38 18.04
CE MSE A 1 -6.98 -8.95 16.80
N GLU A 2 -12.30 -11.74 16.80
CA GLU A 2 -13.09 -12.33 15.76
C GLU A 2 -13.25 -11.56 14.47
N LYS A 3 -12.21 -10.91 13.99
CA LYS A 3 -12.42 -10.23 12.71
C LYS A 3 -13.35 -9.03 12.77
N LYS A 4 -12.98 -8.08 13.58
CA LYS A 4 -13.66 -6.85 13.55
C LYS A 4 -12.60 -5.80 13.60
N LEU A 5 -12.89 -4.64 13.10
CA LEU A 5 -11.98 -3.52 13.19
C LEU A 5 -11.64 -3.26 14.65
N SER A 6 -12.64 -3.41 15.51
CA SER A 6 -12.46 -3.15 16.93
C SER A 6 -11.40 -4.08 17.53
N ASP A 7 -11.35 -5.33 17.08
CA ASP A 7 -10.33 -6.25 17.57
C ASP A 7 -8.92 -5.88 17.22
N ALA A 8 -8.73 -5.36 16.01
CA ALA A 8 -7.41 -4.99 15.57
C ALA A 8 -6.92 -3.77 16.32
N GLN A 9 -7.81 -2.80 16.52
CA GLN A 9 -7.48 -1.61 17.29
C GLN A 9 -7.18 -1.99 18.74
N VAL A 10 -8.01 -2.87 19.30
CA VAL A 10 -7.84 -3.31 20.66
C VAL A 10 -6.49 -4.03 20.88
N ALA A 11 -6.12 -4.89 19.93
CA ALA A 11 -4.85 -5.62 19.99
C ALA A 11 -3.64 -4.71 19.94
N LEU A 12 -3.70 -3.64 19.15
CA LEU A 12 -2.59 -2.68 19.08
C LEU A 12 -2.43 -1.88 20.36
N VAL A 13 -3.55 -1.50 20.97
CA VAL A 13 -3.52 -0.80 22.24
C VAL A 13 -2.88 -1.72 23.30
N ALA A 14 -3.32 -2.97 23.33
CA ALA A 14 -2.82 -3.96 24.28
C ALA A 14 -1.30 -4.09 24.26
N ALA A 15 -0.74 -4.08 23.05
CA ALA A 15 0.69 -4.28 22.89
C ALA A 15 1.52 -3.12 23.43
N TRP A 16 1.14 -1.88 23.15
CA TRP A 16 1.92 -0.78 23.70
C TRP A 16 1.49 -0.49 25.14
N ARG A 17 0.53 -1.27 25.67
CA ARG A 17 0.29 -1.23 27.11
C ARG A 17 1.24 -2.19 27.81
N LYS A 18 1.48 -3.35 27.20
CA LYS A 18 2.48 -4.27 27.71
C LYS A 18 3.90 -3.76 27.55
N TYR A 19 4.18 -3.14 26.41
CA TYR A 19 5.54 -2.71 26.13
C TYR A 19 5.56 -1.27 25.63
N PRO A 20 5.56 -0.32 26.56
CA PRO A 20 5.48 1.13 26.28
C PRO A 20 6.46 1.65 25.21
N ASP A 21 7.53 0.92 24.94
CA ASP A 21 8.48 1.33 23.92
C ASP A 21 7.88 1.20 22.51
N LEU A 22 6.83 0.40 22.40
CA LEU A 22 6.14 0.20 21.12
C LEU A 22 5.13 1.32 20.83
N ARG A 23 4.95 2.25 21.75
CA ARG A 23 3.82 3.15 21.65
C ARG A 23 3.88 4.03 20.43
N GLU A 24 5.04 4.63 20.16
CA GLU A 24 5.15 5.50 19.00
C GLU A 24 4.92 4.71 17.70
N SER A 25 5.54 3.55 17.62
CA SER A 25 5.44 2.67 16.46
C SER A 25 4.01 2.23 16.16
N LEU A 26 3.43 1.51 17.11
CA LEU A 26 2.11 0.94 16.93
C LEU A 26 1.00 2.00 16.89
N GLU A 27 1.26 3.19 17.41
CA GLU A 27 0.27 4.26 17.33
C GLU A 27 0.22 4.90 15.95
N GLU A 28 1.39 5.02 15.31
CA GLU A 28 1.44 5.43 13.92
C GLU A 28 0.76 4.39 13.06
N ALA A 29 0.93 3.11 13.42
CA ALA A 29 0.25 2.03 12.70
C ALA A 29 -1.30 2.11 12.83
N ALA A 30 -1.81 2.40 14.03
CA ALA A 30 -3.24 2.54 14.27
C ALA A 30 -3.82 3.76 13.53
N SER A 31 -3.00 4.80 13.43
CA SER A 31 -3.32 6.00 12.73
C SER A 31 -3.53 5.71 11.25
N ILE A 32 -2.62 4.91 10.68
CA ILE A 32 -2.72 4.51 9.27
C ILE A 32 -3.94 3.62 9.03
N LEU A 33 -4.21 2.70 9.94
CA LEU A 33 -5.40 1.87 9.85
C LEU A 33 -6.66 2.75 9.81
N SER A 34 -6.67 3.76 10.68
CA SER A 34 -7.75 4.72 10.80
C SER A 34 -7.91 5.55 9.53
N LEU A 35 -6.79 5.97 8.96
CA LEU A 35 -6.83 6.67 7.70
C LEU A 35 -7.34 5.79 6.55
N ILE A 36 -6.94 4.52 6.56
CA ILE A 36 -7.35 3.59 5.52
C ILE A 36 -8.86 3.36 5.60
N VAL A 37 -9.37 3.20 6.82
CA VAL A 37 -10.80 2.97 7.05
C VAL A 37 -11.62 4.18 6.66
N PHE A 38 -11.10 5.37 6.96
CA PHE A 38 -11.75 6.61 6.64
C PHE A 38 -11.88 6.79 5.12
N GLN A 39 -10.78 6.58 4.41
CA GLN A 39 -10.76 6.75 2.96
C GLN A 39 -11.70 5.78 2.27
N ALA A 40 -11.73 4.55 2.77
CA ALA A 40 -12.62 3.53 2.24
C ALA A 40 -14.08 3.92 2.44
N GLU A 41 -14.38 4.49 3.60
CA GLU A 41 -15.75 4.85 3.91
C GLU A 41 -16.20 6.07 3.11
N THR A 42 -15.28 6.97 2.80
CA THR A 42 -15.52 8.09 1.92
C THR A 42 -15.87 7.68 0.49
N LEU A 43 -15.08 6.76 -0.06
CA LEU A 43 -15.36 6.28 -1.41
C LEU A 43 -16.66 5.48 -1.45
N SER A 44 -16.88 4.65 -0.43
CA SER A 44 -18.07 3.84 -0.30
C SER A 44 -19.36 4.69 -0.29
N ASP A 45 -19.33 5.80 0.43
CA ASP A 45 -20.45 6.73 0.44
C ASP A 45 -20.69 7.33 -0.96
N GLN A 46 -19.61 7.70 -1.65
CA GLN A 46 -19.69 8.23 -2.99
C GLN A 46 -20.30 7.22 -3.98
N ALA A 47 -19.90 5.97 -3.84
CA ALA A 47 -20.40 4.88 -4.67
C ALA A 47 -21.87 4.64 -4.40
N ASN A 48 -22.26 4.72 -3.15
CA ASN A 48 -23.66 4.57 -2.79
C ASN A 48 -24.53 5.70 -3.40
N GLU A 49 -24.02 6.93 -3.34
CA GLU A 49 -24.71 8.08 -3.90
C GLU A 49 -24.85 7.96 -5.40
N LEU A 50 -23.77 7.55 -6.07
CA LEU A 50 -23.81 7.27 -7.49
C LEU A 50 -24.87 6.20 -7.81
N ALA A 51 -24.94 5.15 -7.00
CA ALA A 51 -25.96 4.10 -7.19
C ALA A 51 -27.38 4.63 -6.97
N ASN A 52 -27.56 5.50 -5.98
CA ASN A 52 -28.86 6.13 -5.76
C ASN A 52 -29.31 6.89 -7.01
N TYR A 53 -28.38 7.63 -7.60
CA TYR A 53 -28.60 8.32 -8.86
C TYR A 53 -29.08 7.37 -9.97
N ILE A 54 -28.35 6.28 -10.16
CA ILE A 54 -28.67 5.34 -11.22
C ILE A 54 -30.05 4.74 -11.06
N ARG A 55 -30.45 4.46 -9.85
CA ARG A 55 -31.80 4.01 -9.58
C ARG A 55 -32.91 5.03 -9.80
N ARG A 56 -32.67 6.25 -9.39
CA ARG A 56 -33.61 7.32 -9.47
C ARG A 56 -33.92 7.66 -10.90
N GLN A 57 -32.94 7.49 -11.74
CA GLN A 57 -33.10 7.71 -13.14
C GLN A 57 -33.73 6.52 -13.84
N GLY A 58 -34.00 5.43 -13.11
CA GLY A 58 -34.53 4.22 -13.72
C GLY A 58 -33.57 3.60 -14.73
N LEU A 59 -32.27 3.74 -14.48
CA LEU A 59 -31.24 3.15 -15.33
C LEU A 59 -31.01 1.68 -14.96
N GLU A 60 -31.85 0.79 -15.49
CA GLU A 60 -31.84 -0.60 -15.07
C GLU A 60 -30.69 -1.45 -15.62
N GLU A 61 -30.01 -0.97 -16.64
CA GLU A 61 -28.84 -1.68 -17.15
C GLU A 61 -27.72 -1.84 -16.12
N ALA A 62 -27.60 -0.92 -15.16
CA ALA A 62 -26.51 -0.96 -14.20
C ALA A 62 -26.95 -1.51 -12.83
N GLU A 63 -28.14 -2.09 -12.76
CA GLU A 63 -28.69 -2.55 -11.49
C GLU A 63 -27.84 -3.59 -10.77
N GLY A 64 -27.24 -4.51 -11.53
CA GLY A 64 -26.38 -5.52 -10.94
C GLY A 64 -25.20 -4.94 -10.18
N ALA A 65 -24.55 -3.95 -10.78
CA ALA A 65 -23.45 -3.26 -10.12
C ALA A 65 -23.97 -2.53 -8.86
N CYS A 66 -25.16 -1.95 -8.93
CA CYS A 66 -25.72 -1.25 -7.76
C CYS A 66 -26.04 -2.22 -6.62
N ARG A 67 -26.50 -3.40 -6.96
CA ARG A 67 -26.67 -4.46 -5.99
C ARG A 67 -25.38 -4.90 -5.39
N ASN A 68 -24.34 -4.96 -6.19
CA ASN A 68 -23.03 -5.41 -5.73
C ASN A 68 -22.55 -4.50 -4.64
N ILE A 69 -22.68 -3.20 -4.91
CA ILE A 69 -22.34 -2.15 -3.98
C ILE A 69 -23.08 -2.29 -2.65
N ASP A 70 -24.36 -2.65 -2.70
CA ASP A 70 -25.14 -2.86 -1.48
C ASP A 70 -24.56 -4.00 -0.66
N ILE A 71 -24.26 -5.09 -1.34
CA ILE A 71 -23.70 -6.26 -0.70
C ILE A 71 -22.33 -5.95 -0.12
N MSE A 72 -21.52 -5.22 -0.89
CA MSE A 72 -20.19 -4.89 -0.44
C MSE A 72 -20.23 -3.95 0.80
O MSE A 72 -19.43 -4.09 1.72
CB MSE A 72 -19.42 -4.25 -1.61
CG MSE A 72 -18.90 -5.27 -2.63
SE MSE A 72 -18.40 -4.38 -4.29
CE MSE A 72 -18.16 -5.87 -5.55
N ARG A 73 -21.19 -3.05 0.81
CA ARG A 73 -21.33 -2.16 1.92
C ARG A 73 -21.85 -2.86 3.11
N ALA A 74 -22.74 -3.79 2.91
CA ALA A 74 -23.24 -4.59 4.00
C ALA A 74 -22.14 -5.49 4.59
N LYS A 75 -21.27 -6.02 3.74
CA LYS A 75 -20.15 -6.84 4.18
C LYS A 75 -19.16 -6.00 4.96
N TRP A 76 -19.03 -4.74 4.57
CA TRP A 76 -18.09 -3.81 5.23
C TRP A 76 -18.52 -3.52 6.67
N VAL A 77 -19.81 -3.25 6.85
CA VAL A 77 -20.37 -2.94 8.16
C VAL A 77 -20.23 -4.12 9.13
N GLU A 78 -20.21 -5.35 8.60
CA GLU A 78 -20.00 -6.53 9.44
C GLU A 78 -18.62 -6.55 10.10
N VAL A 79 -17.63 -6.01 9.43
CA VAL A 79 -16.25 -6.03 9.92
C VAL A 79 -15.92 -4.72 10.63
N CYS A 80 -16.43 -3.61 10.09
CA CYS A 80 -16.04 -2.28 10.54
C CYS A 80 -17.15 -1.48 11.27
N GLY A 81 -18.37 -2.00 11.31
CA GLY A 81 -19.42 -1.26 11.95
C GLY A 81 -19.83 -0.03 11.14
N GLU A 82 -20.38 0.97 11.82
CA GLU A 82 -20.88 2.17 11.17
C GLU A 82 -20.93 3.30 12.18
N VAL A 83 -20.41 4.45 11.79
CA VAL A 83 -20.41 5.62 12.66
C VAL A 83 -21.80 6.23 12.70
N ASN A 84 -22.36 6.35 13.91
CA ASN A 84 -23.70 6.86 14.08
C ASN A 84 -23.74 8.38 14.03
N GLN A 85 -24.89 8.95 14.35
CA GLN A 85 -25.03 10.39 14.28
C GLN A 85 -24.24 11.17 15.34
N HIS A 86 -23.85 10.49 16.42
CA HIS A 86 -23.13 11.17 17.47
C HIS A 86 -21.64 11.03 17.29
N GLY A 87 -21.23 10.37 16.21
CA GLY A 87 -19.83 10.27 15.83
C GLY A 87 -19.12 9.11 16.50
N ILE A 88 -19.91 8.16 16.95
CA ILE A 88 -19.38 6.97 17.60
C ILE A 88 -19.61 5.74 16.74
N ARG A 89 -18.53 5.05 16.42
CA ARG A 89 -18.60 3.81 15.66
C ARG A 89 -19.21 2.67 16.48
N VAL A 90 -20.34 2.14 15.99
CA VAL A 90 -21.09 1.09 16.69
C VAL A 90 -21.30 -0.14 15.78
N TYR A 91 -21.52 -1.29 16.38
CA TYR A 91 -21.65 -2.54 15.63
C TYR A 91 -22.98 -3.22 15.85
N GLY A 92 -23.19 -4.26 15.07
CA GLY A 92 -24.36 -5.10 15.14
C GLY A 92 -25.71 -4.41 15.24
N ASP A 93 -26.48 -4.81 16.25
CA ASP A 93 -27.86 -4.34 16.37
C ASP A 93 -27.90 -3.05 17.15
N ALA A 94 -26.71 -2.56 17.50
CA ALA A 94 -26.57 -1.23 18.07
C ALA A 94 -26.60 -0.18 16.94
N ILE A 95 -26.75 -0.65 15.71
CA ILE A 95 -26.70 0.25 14.57
C ILE A 95 -28.11 0.81 14.31
N ASP A 96 -29.08 -0.06 14.02
CA ASP A 96 -30.44 0.33 13.58
C ASP A 96 -30.99 1.64 14.18
N MSE B 1 7.74 6.86 10.15
CA MSE B 1 6.95 6.09 9.18
C MSE B 1 6.25 7.03 8.22
O MSE B 1 5.78 8.09 8.64
CB MSE B 1 5.90 5.22 9.88
CG MSE B 1 6.46 4.18 10.78
SE MSE B 1 5.06 3.53 11.96
CE MSE B 1 3.83 2.94 10.58
N GLU B 2 6.16 6.60 6.97
CA GLU B 2 5.78 7.50 5.89
C GLU B 2 4.24 7.49 5.67
N LYS B 3 3.54 6.77 6.54
CA LYS B 3 2.07 6.65 6.52
C LYS B 3 1.62 6.00 5.22
N LYS B 4 1.97 4.73 5.13
CA LYS B 4 1.66 3.85 4.03
C LYS B 4 1.20 2.57 4.66
N LEU B 5 0.42 1.79 3.92
CA LEU B 5 0.03 0.47 4.37
C LEU B 5 1.27 -0.39 4.68
N SER B 6 2.31 -0.29 3.85
CA SER B 6 3.49 -1.12 4.05
C SER B 6 4.20 -0.77 5.36
N ASP B 7 4.32 0.53 5.67
CA ASP B 7 4.99 0.97 6.90
C ASP B 7 4.27 0.49 8.16
N ALA B 8 2.95 0.42 8.08
CA ALA B 8 2.14 -0.03 9.19
C ALA B 8 2.26 -1.54 9.37
N GLN B 9 2.31 -2.29 8.28
CA GLN B 9 2.45 -3.73 8.36
C GLN B 9 3.77 -4.11 9.01
N VAL B 10 4.82 -3.40 8.64
CA VAL B 10 6.14 -3.63 9.21
C VAL B 10 6.18 -3.39 10.71
N ALA B 11 5.53 -2.32 11.17
CA ALA B 11 5.52 -1.98 12.58
C ALA B 11 4.88 -3.12 13.36
N LEU B 12 3.88 -3.75 12.78
CA LEU B 12 3.23 -4.88 13.42
C LEU B 12 4.15 -6.09 13.50
N VAL B 13 4.85 -6.38 12.41
CA VAL B 13 5.80 -7.48 12.36
C VAL B 13 6.96 -7.27 13.34
N ALA B 14 7.56 -6.08 13.26
CA ALA B 14 8.67 -5.69 14.10
C ALA B 14 8.34 -5.87 15.58
N ALA B 15 7.10 -5.57 15.96
CA ALA B 15 6.72 -5.65 17.35
C ALA B 15 6.74 -7.08 17.85
N TRP B 16 6.23 -8.04 17.09
CA TRP B 16 6.24 -9.40 17.63
C TRP B 16 7.60 -10.09 17.45
N ARG B 17 8.52 -9.40 16.79
CA ARG B 17 9.94 -9.67 16.75
C ARG B 17 10.70 -9.37 18.04
N LYS B 18 10.42 -8.23 18.63
CA LYS B 18 10.96 -7.83 19.90
C LYS B 18 10.24 -8.67 20.98
N TYR B 19 8.94 -8.91 20.79
CA TYR B 19 8.13 -9.58 21.80
C TYR B 19 7.19 -10.67 21.26
N PRO B 20 7.68 -11.90 21.10
CA PRO B 20 6.94 -13.04 20.52
C PRO B 20 5.55 -13.36 21.09
N ASP B 21 5.26 -12.93 22.31
CA ASP B 21 3.93 -13.17 22.90
C ASP B 21 2.83 -12.31 22.23
N LEU B 22 3.25 -11.25 21.53
CA LEU B 22 2.32 -10.35 20.83
C LEU B 22 1.89 -10.91 19.49
N ARG B 23 2.52 -12.01 19.08
CA ARG B 23 2.40 -12.49 17.73
C ARG B 23 1.00 -12.96 17.35
N GLU B 24 0.35 -13.76 18.21
CA GLU B 24 -0.99 -14.20 17.85
C GLU B 24 -1.87 -12.97 17.73
N SER B 25 -1.65 -12.05 18.66
CA SER B 25 -2.40 -10.81 18.79
C SER B 25 -2.30 -9.94 17.54
N LEU B 26 -1.09 -9.44 17.28
CA LEU B 26 -0.82 -8.52 16.20
C LEU B 26 -0.91 -9.09 14.79
N GLU B 27 -0.78 -10.41 14.67
CA GLU B 27 -0.92 -11.03 13.35
C GLU B 27 -2.37 -11.19 13.01
N GLU B 28 -3.19 -11.43 14.02
CA GLU B 28 -4.62 -11.41 13.80
C GLU B 28 -5.00 -9.98 13.37
N ALA B 29 -4.35 -9.00 13.96
CA ALA B 29 -4.59 -7.62 13.62
C ALA B 29 -4.23 -7.35 12.17
N ALA B 30 -3.10 -7.88 11.74
CA ALA B 30 -2.62 -7.71 10.38
C ALA B 30 -3.59 -8.37 9.41
N SER B 31 -4.20 -9.46 9.86
CA SER B 31 -5.19 -10.18 9.07
C SER B 31 -6.40 -9.32 8.78
N ILE B 32 -6.84 -8.62 9.81
CA ILE B 32 -7.98 -7.72 9.76
C ILE B 32 -7.69 -6.52 8.85
N LEU B 33 -6.51 -5.94 8.99
CA LEU B 33 -6.09 -4.87 8.12
C LEU B 33 -6.09 -5.28 6.64
N SER B 34 -5.52 -6.44 6.36
CA SER B 34 -5.47 -6.94 5.01
C SER B 34 -6.86 -7.20 4.46
N LEU B 35 -7.73 -7.73 5.31
CA LEU B 35 -9.08 -7.96 4.86
C LEU B 35 -9.76 -6.63 4.54
N ILE B 36 -9.45 -5.62 5.34
CA ILE B 36 -10.02 -4.29 5.17
C ILE B 36 -9.54 -3.68 3.88
N VAL B 37 -8.25 -3.83 3.60
CA VAL B 37 -7.69 -3.29 2.36
C VAL B 37 -8.30 -4.03 1.18
N PHE B 38 -8.46 -5.33 1.34
CA PHE B 38 -9.05 -6.13 0.28
C PHE B 38 -10.50 -5.75 -0.02
N GLN B 39 -11.32 -5.63 1.01
CA GLN B 39 -12.74 -5.30 0.82
C GLN B 39 -12.93 -3.91 0.23
N ALA B 40 -12.11 -2.95 0.67
CA ALA B 40 -12.13 -1.60 0.12
C ALA B 40 -11.75 -1.59 -1.35
N GLU B 41 -10.78 -2.40 -1.74
CA GLU B 41 -10.36 -2.38 -3.13
C GLU B 41 -11.41 -3.08 -4.03
N THR B 42 -12.12 -4.07 -3.49
CA THR B 42 -13.19 -4.74 -4.22
C THR B 42 -14.32 -3.75 -4.57
N LEU B 43 -14.73 -2.95 -3.58
CA LEU B 43 -15.78 -1.95 -3.75
C LEU B 43 -15.33 -0.83 -4.66
N SER B 44 -14.08 -0.40 -4.48
CA SER B 44 -13.49 0.66 -5.27
C SER B 44 -13.47 0.34 -6.76
N ASP B 45 -13.11 -0.90 -7.10
CA ASP B 45 -13.06 -1.38 -8.48
C ASP B 45 -14.47 -1.40 -9.09
N GLN B 46 -15.42 -1.84 -8.29
CA GLN B 46 -16.81 -1.86 -8.68
C GLN B 46 -17.35 -0.47 -8.96
N ALA B 47 -16.97 0.47 -8.12
CA ALA B 47 -17.36 1.85 -8.25
C ALA B 47 -16.75 2.49 -9.49
N ASN B 48 -15.51 2.11 -9.76
CA ASN B 48 -14.84 2.59 -10.95
C ASN B 48 -15.58 2.12 -12.20
N GLU B 49 -16.04 0.86 -12.16
CA GLU B 49 -16.82 0.29 -13.25
C GLU B 49 -18.17 1.00 -13.44
N LEU B 50 -18.81 1.35 -12.36
CA LEU B 50 -20.02 2.10 -12.41
C LEU B 50 -19.80 3.46 -13.06
N ALA B 51 -18.73 4.13 -12.72
CA ALA B 51 -18.34 5.42 -13.32
C ALA B 51 -18.01 5.24 -14.80
N ASN B 52 -17.38 4.12 -15.13
CA ASN B 52 -17.12 3.78 -16.52
C ASN B 52 -18.39 3.67 -17.31
N TYR B 53 -19.35 2.93 -16.78
CA TYR B 53 -20.67 2.82 -17.41
C TYR B 53 -21.28 4.21 -17.67
N ILE B 54 -21.30 5.05 -16.64
CA ILE B 54 -21.84 6.40 -16.72
C ILE B 54 -21.11 7.26 -17.74
N ARG B 55 -19.81 7.06 -17.88
CA ARG B 55 -19.08 7.82 -18.89
C ARG B 55 -19.31 7.25 -20.29
N ARG B 56 -19.54 5.95 -20.42
CA ARG B 56 -19.81 5.42 -21.74
C ARG B 56 -21.21 5.83 -22.19
N GLN B 57 -22.08 6.16 -21.24
CA GLN B 57 -23.44 6.63 -21.57
C GLN B 57 -23.52 8.14 -21.77
N GLY B 58 -22.41 8.86 -21.62
CA GLY B 58 -22.40 10.30 -21.80
C GLY B 58 -23.28 11.13 -20.86
N LEU B 59 -23.49 10.61 -19.65
CA LEU B 59 -24.33 11.24 -18.65
C LEU B 59 -23.66 12.34 -17.82
N GLU B 60 -23.69 13.59 -18.28
CA GLU B 60 -22.90 14.63 -17.62
C GLU B 60 -23.44 15.01 -16.24
N GLU B 61 -24.64 14.56 -15.90
CA GLU B 61 -25.16 14.85 -14.57
C GLU B 61 -24.35 14.25 -13.45
N ALA B 62 -23.82 13.05 -13.68
CA ALA B 62 -23.11 12.31 -12.64
C ALA B 62 -21.59 12.42 -12.83
N GLU B 63 -21.16 13.26 -13.76
CA GLU B 63 -19.75 13.40 -14.04
C GLU B 63 -18.92 13.88 -12.81
N GLY B 64 -19.45 14.78 -12.01
CA GLY B 64 -18.76 15.24 -10.81
C GLY B 64 -18.46 14.08 -9.87
N ALA B 65 -19.45 13.18 -9.74
CA ALA B 65 -19.31 11.98 -8.91
C ALA B 65 -18.20 11.10 -9.43
N CYS B 66 -18.09 11.00 -10.75
CA CYS B 66 -17.04 10.22 -11.41
C CYS B 66 -15.68 10.84 -11.24
N ARG B 67 -15.62 12.17 -11.23
CA ARG B 67 -14.34 12.81 -11.01
C ARG B 67 -13.96 12.59 -9.55
N ASN B 68 -14.96 12.54 -8.69
CA ASN B 68 -14.71 12.31 -7.28
C ASN B 68 -14.15 10.92 -7.05
N ILE B 69 -14.76 9.90 -7.65
CA ILE B 69 -14.22 8.54 -7.54
C ILE B 69 -12.76 8.47 -8.00
N ASP B 70 -12.45 9.13 -9.10
CA ASP B 70 -11.08 9.17 -9.57
C ASP B 70 -10.13 9.82 -8.56
N ILE B 71 -10.53 10.93 -7.97
CA ILE B 71 -9.66 11.59 -7.01
C ILE B 71 -9.39 10.69 -5.81
N MSE B 72 -10.42 10.00 -5.32
CA MSE B 72 -10.21 9.27 -4.07
C MSE B 72 -9.48 7.94 -4.36
O MSE B 72 -8.79 7.44 -3.48
CB MSE B 72 -11.53 9.02 -3.29
CG MSE B 72 -12.75 9.46 -4.00
SE MSE B 72 -14.50 9.40 -3.15
CE MSE B 72 -14.68 11.22 -2.50
N ARG B 73 -9.58 7.43 -5.58
CA ARG B 73 -8.80 6.25 -5.98
C ARG B 73 -7.31 6.57 -6.06
N ALA B 74 -6.98 7.74 -6.57
CA ALA B 74 -5.60 8.14 -6.65
C ALA B 74 -5.03 8.32 -5.24
N LYS B 75 -5.84 8.89 -4.33
CA LYS B 75 -5.43 9.04 -2.93
C LYS B 75 -5.24 7.71 -2.24
N TRP B 76 -6.04 6.73 -2.64
CA TRP B 76 -5.95 5.44 -2.06
C TRP B 76 -4.60 4.83 -2.39
N VAL B 77 -4.23 4.94 -3.66
CA VAL B 77 -2.96 4.40 -4.13
C VAL B 77 -1.77 5.06 -3.41
N GLU B 78 -1.93 6.31 -2.98
CA GLU B 78 -0.88 6.98 -2.21
C GLU B 78 -0.63 6.29 -0.87
N VAL B 79 -1.64 5.69 -0.28
CA VAL B 79 -1.47 5.17 1.06
C VAL B 79 -1.24 3.65 1.07
N CYS B 80 -1.94 3.00 0.16
CA CYS B 80 -2.04 1.55 0.13
C CYS B 80 -1.29 0.95 -1.00
N GLY B 81 -0.76 1.82 -1.84
CA GLY B 81 -0.04 1.39 -3.01
C GLY B 81 -1.00 0.80 -4.02
N GLU B 82 -0.45 -0.04 -4.89
CA GLU B 82 -1.21 -0.59 -6.00
C GLU B 82 -0.49 -1.82 -6.49
N VAL B 83 -1.25 -2.89 -6.74
CA VAL B 83 -0.68 -4.13 -7.20
C VAL B 83 -0.32 -4.06 -8.68
N ASN B 84 0.94 -4.36 -9.02
CA ASN B 84 1.31 -4.31 -10.44
C ASN B 84 0.90 -5.61 -11.13
N GLN B 85 1.33 -5.74 -12.38
CA GLN B 85 0.94 -6.88 -13.20
C GLN B 85 1.49 -8.23 -12.69
N HIS B 86 2.53 -8.16 -11.85
CA HIS B 86 3.23 -9.35 -11.31
C HIS B 86 2.79 -9.77 -9.91
N GLY B 87 1.78 -9.08 -9.39
CA GLY B 87 1.15 -9.44 -8.12
C GLY B 87 1.84 -8.86 -6.91
N ILE B 88 2.62 -7.80 -7.14
CA ILE B 88 3.37 -7.09 -6.10
C ILE B 88 2.82 -5.68 -5.84
N ARG B 89 2.46 -5.43 -4.59
CA ARG B 89 1.99 -4.11 -4.20
C ARG B 89 3.16 -3.10 -4.24
N VAL B 90 3.01 -2.07 -5.07
CA VAL B 90 4.05 -1.07 -5.32
C VAL B 90 3.47 0.30 -5.00
N TYR B 91 4.37 1.21 -4.62
CA TYR B 91 4.07 2.57 -4.17
C TYR B 91 4.77 3.51 -5.13
N GLY B 92 4.61 4.82 -4.97
CA GLY B 92 5.30 5.75 -5.84
C GLY B 92 5.84 6.97 -5.12
N MSE C 1 30.75 -4.55 -18.56
CA MSE C 1 30.70 -5.55 -19.61
C MSE C 1 30.09 -6.82 -19.13
O MSE C 1 29.15 -7.33 -19.75
CB MSE C 1 32.09 -5.93 -20.09
CG MSE C 1 32.95 -6.69 -19.09
SE MSE C 1 34.76 -6.63 -19.87
CE MSE C 1 35.40 -4.92 -19.12
N GLU C 2 30.59 -7.36 -18.05
CA GLU C 2 30.08 -8.61 -17.56
C GLU C 2 29.72 -8.49 -16.09
N LYS C 3 28.83 -9.37 -15.65
CA LYS C 3 28.33 -9.39 -14.25
C LYS C 3 27.57 -8.16 -13.70
N LYS C 4 26.68 -7.58 -14.50
CA LYS C 4 25.90 -6.43 -14.05
C LYS C 4 24.42 -6.74 -13.91
N LEU C 5 23.69 -5.91 -13.17
CA LEU C 5 22.23 -6.02 -13.04
C LEU C 5 21.55 -6.10 -14.40
N SER C 6 22.00 -5.33 -15.38
CA SER C 6 21.40 -5.36 -16.71
C SER C 6 21.59 -6.74 -17.38
N ASP C 7 22.76 -7.34 -17.16
CA ASP C 7 23.14 -8.65 -17.73
C ASP C 7 22.20 -9.74 -17.21
N ALA C 8 21.83 -9.62 -15.93
CA ALA C 8 20.88 -10.52 -15.32
C ALA C 8 19.46 -10.27 -15.82
N GLN C 9 19.07 -9.02 -15.96
CA GLN C 9 17.72 -8.70 -16.43
C GLN C 9 17.52 -9.24 -17.86
N VAL C 10 18.53 -9.02 -18.68
CA VAL C 10 18.54 -9.43 -20.06
C VAL C 10 18.48 -10.96 -20.18
N ALA C 11 19.21 -11.65 -19.32
CA ALA C 11 19.23 -13.11 -19.31
C ALA C 11 17.85 -13.66 -18.97
N LEU C 12 17.12 -12.95 -18.12
CA LEU C 12 15.74 -13.34 -17.82
C LEU C 12 14.81 -13.13 -19.02
N VAL C 13 15.02 -12.03 -19.74
CA VAL C 13 14.27 -11.76 -20.97
C VAL C 13 14.58 -12.80 -22.06
N ALA C 14 15.85 -13.05 -22.31
CA ALA C 14 16.27 -14.05 -23.30
C ALA C 14 15.61 -15.42 -23.06
N ALA C 15 15.47 -15.80 -21.79
CA ALA C 15 14.91 -17.10 -21.44
C ALA C 15 13.41 -17.23 -21.76
N TRP C 16 12.57 -16.25 -21.40
CA TRP C 16 11.13 -16.37 -21.72
C TRP C 16 10.87 -15.92 -23.16
N ARG C 17 11.94 -15.56 -23.87
CA ARG C 17 11.86 -15.36 -25.32
C ARG C 17 12.06 -16.71 -26.00
N LYS C 18 13.00 -17.51 -25.48
CA LYS C 18 13.16 -18.89 -25.95
C LYS C 18 12.02 -19.82 -25.52
N TYR C 19 11.50 -19.65 -24.31
CA TYR C 19 10.44 -20.53 -23.81
C TYR C 19 9.32 -19.74 -23.12
N PRO C 20 8.38 -19.22 -23.91
CA PRO C 20 7.26 -18.37 -23.49
C PRO C 20 6.49 -18.91 -22.29
N ASP C 21 6.59 -20.21 -22.05
CA ASP C 21 5.92 -20.82 -20.91
C ASP C 21 6.60 -20.36 -19.61
N LEU C 22 7.83 -19.86 -19.72
CA LEU C 22 8.54 -19.32 -18.56
C LEU C 22 8.16 -17.87 -18.24
N ARG C 23 7.33 -17.23 -19.06
CA ARG C 23 7.16 -15.78 -18.94
C ARG C 23 6.50 -15.30 -17.65
N GLU C 24 5.44 -15.93 -17.17
CA GLU C 24 4.92 -15.49 -15.87
C GLU C 24 5.95 -15.71 -14.78
N SER C 25 6.62 -16.86 -14.85
CA SER C 25 7.62 -17.24 -13.88
C SER C 25 8.75 -16.22 -13.75
N LEU C 26 9.52 -16.08 -14.82
CA LEU C 26 10.71 -15.23 -14.82
C LEU C 26 10.41 -13.74 -14.75
N GLU C 27 9.20 -13.32 -15.09
CA GLU C 27 8.81 -11.92 -14.91
C GLU C 27 8.43 -11.57 -13.47
N GLU C 28 7.86 -12.51 -12.74
CA GLU C 28 7.66 -12.28 -11.33
C GLU C 28 9.05 -12.16 -10.69
N ALA C 29 9.98 -13.01 -11.13
CA ALA C 29 11.36 -13.00 -10.66
C ALA C 29 12.12 -11.71 -11.00
N ALA C 30 11.98 -11.22 -12.22
CA ALA C 30 12.63 -9.97 -12.62
C ALA C 30 12.06 -8.79 -11.85
N SER C 31 10.78 -8.89 -11.52
CA SER C 31 10.08 -7.89 -10.72
C SER C 31 10.61 -7.86 -9.29
N ILE C 32 10.86 -9.04 -8.75
CA ILE C 32 11.42 -9.18 -7.41
C ILE C 32 12.82 -8.59 -7.35
N LEU C 33 13.61 -8.87 -8.36
CA LEU C 33 14.94 -8.29 -8.49
C LEU C 33 14.86 -6.77 -8.50
N SER C 34 13.88 -6.23 -9.23
CA SER C 34 13.72 -4.78 -9.31
C SER C 34 13.36 -4.17 -7.96
N LEU C 35 12.48 -4.86 -7.23
CA LEU C 35 12.10 -4.43 -5.90
C LEU C 35 13.30 -4.42 -4.94
N ILE C 36 14.15 -5.43 -5.06
CA ILE C 36 15.33 -5.55 -4.22
C ILE C 36 16.32 -4.41 -4.50
N VAL C 37 16.52 -4.09 -5.78
CA VAL C 37 17.41 -3.00 -6.19
C VAL C 37 16.88 -1.66 -5.69
N PHE C 38 15.56 -1.51 -5.81
CA PHE C 38 14.89 -0.31 -5.38
C PHE C 38 14.99 -0.10 -3.88
N GLN C 39 14.65 -1.12 -3.11
CA GLN C 39 14.71 -1.00 -1.66
C GLN C 39 16.15 -0.77 -1.16
N ALA C 40 17.12 -1.41 -1.81
CA ALA C 40 18.53 -1.20 -1.48
C ALA C 40 19.00 0.21 -1.75
N GLU C 41 18.55 0.78 -2.87
CA GLU C 41 18.96 2.11 -3.24
C GLU C 41 18.26 3.17 -2.39
N THR C 42 17.05 2.88 -1.97
CA THR C 42 16.37 3.75 -1.03
C THR C 42 17.15 3.83 0.28
N LEU C 43 17.59 2.70 0.78
CA LEU C 43 18.33 2.68 2.03
C LEU C 43 19.70 3.30 1.87
N SER C 44 20.35 3.04 0.74
CA SER C 44 21.68 3.57 0.47
C SER C 44 21.66 5.10 0.53
N ASP C 45 20.65 5.70 -0.08
CA ASP C 45 20.49 7.16 -0.10
C ASP C 45 20.36 7.71 1.29
N GLN C 46 19.55 7.04 2.08
CA GLN C 46 19.38 7.36 3.47
C GLN C 46 20.71 7.24 4.24
N ALA C 47 21.50 6.19 3.97
CA ALA C 47 22.81 6.05 4.60
C ALA C 47 23.74 7.16 4.15
N ASN C 48 23.65 7.52 2.88
CA ASN C 48 24.42 8.62 2.33
C ASN C 48 24.08 9.97 2.96
N GLU C 49 22.79 10.24 3.17
CA GLU C 49 22.36 11.49 3.81
C GLU C 49 22.93 11.56 5.23
N LEU C 50 22.79 10.42 5.91
CA LEU C 50 23.25 10.22 7.25
C LEU C 50 24.77 10.45 7.37
N ALA C 51 25.55 9.96 6.41
CA ALA C 51 26.99 10.22 6.38
C ALA C 51 27.31 11.69 6.11
N ASN C 52 26.51 12.33 5.26
CA ASN C 52 26.60 13.77 5.00
C ASN C 52 26.44 14.58 6.26
N TYR C 53 25.45 14.19 7.05
CA TYR C 53 25.18 14.79 8.35
C TYR C 53 26.37 14.69 9.32
N ILE C 54 26.90 13.48 9.49
CA ILE C 54 28.03 13.28 10.39
C ILE C 54 29.28 14.05 9.94
N ARG C 55 29.43 14.26 8.63
CA ARG C 55 30.58 15.01 8.13
C ARG C 55 30.42 16.51 8.38
N ARG C 56 29.18 16.97 8.37
CA ARG C 56 28.87 18.36 8.63
C ARG C 56 29.11 18.67 10.11
N GLN C 57 29.07 17.63 10.93
CA GLN C 57 29.32 17.78 12.35
C GLN C 57 30.79 17.57 12.71
N GLY C 58 31.60 17.21 11.71
CA GLY C 58 33.01 16.95 11.95
C GLY C 58 33.26 15.84 12.96
N LEU C 59 32.30 14.92 13.07
CA LEU C 59 32.43 13.85 14.05
C LEU C 59 33.36 12.81 13.45
N GLU C 60 34.65 13.07 13.61
CA GLU C 60 35.69 12.34 12.89
C GLU C 60 35.84 10.92 13.41
N GLU C 61 35.15 10.62 14.52
CA GLU C 61 35.13 9.27 15.09
C GLU C 61 34.54 8.28 14.08
N ALA C 62 33.53 8.76 13.35
CA ALA C 62 32.74 7.91 12.45
C ALA C 62 33.17 8.03 11.00
N GLU C 63 34.30 8.71 10.76
CA GLU C 63 34.74 8.99 9.40
C GLU C 63 35.00 7.71 8.61
N GLY C 64 35.58 6.71 9.27
CA GLY C 64 35.82 5.44 8.61
C GLY C 64 34.52 4.84 8.10
N ALA C 65 33.47 4.92 8.91
CA ALA C 65 32.14 4.45 8.56
C ALA C 65 31.56 5.22 7.37
N CYS C 66 31.83 6.52 7.34
CA CYS C 66 31.38 7.36 6.24
C CYS C 66 32.15 7.08 4.95
N ARG C 67 33.43 6.78 5.08
CA ARG C 67 34.22 6.44 3.91
C ARG C 67 33.83 5.07 3.37
N ASN C 68 33.41 4.19 4.27
CA ASN C 68 32.91 2.89 3.87
C ASN C 68 31.62 3.05 3.08
N ILE C 69 30.74 3.91 3.57
CA ILE C 69 29.52 4.20 2.85
C ILE C 69 29.88 4.64 1.44
N ASP C 70 30.88 5.50 1.33
CA ASP C 70 31.31 6.01 0.02
C ASP C 70 31.81 4.91 -0.89
N ILE C 71 32.65 4.03 -0.34
CA ILE C 71 33.24 2.90 -1.08
C ILE C 71 32.21 1.87 -1.54
N MSE C 72 31.33 1.47 -0.64
CA MSE C 72 30.24 0.56 -0.93
C MSE C 72 29.31 1.09 -2.02
O MSE C 72 28.89 0.31 -2.90
CB MSE C 72 29.45 0.28 0.35
CG MSE C 72 30.24 -0.48 1.39
SE MSE C 72 29.40 -0.55 3.16
CE MSE C 72 30.83 -1.49 4.08
N ARG C 73 29.01 2.39 -1.98
CA ARG C 73 28.12 3.02 -2.93
C ARG C 73 28.73 3.07 -4.32
N ALA C 74 30.03 3.33 -4.38
CA ALA C 74 30.75 3.27 -5.65
C ALA C 74 30.79 1.82 -6.15
N LYS C 75 30.88 0.88 -5.24
CA LYS C 75 30.86 -0.54 -5.61
C LYS C 75 29.51 -0.93 -6.15
N TRP C 76 28.47 -0.36 -5.55
CA TRP C 76 27.10 -0.64 -5.96
C TRP C 76 26.86 -0.17 -7.40
N VAL C 77 27.35 1.02 -7.70
CA VAL C 77 27.23 1.59 -9.02
C VAL C 77 27.98 0.75 -10.08
N GLU C 78 29.08 0.11 -9.70
CA GLU C 78 29.78 -0.75 -10.65
C GLU C 78 28.89 -1.91 -11.09
N VAL C 79 27.99 -2.38 -10.23
CA VAL C 79 27.15 -3.55 -10.53
C VAL C 79 25.77 -3.17 -11.08
N CYS C 80 25.18 -2.13 -10.49
CA CYS C 80 23.79 -1.75 -10.71
C CYS C 80 23.63 -0.44 -11.51
N GLY C 81 24.74 0.24 -11.75
CA GLY C 81 24.68 1.49 -12.46
C GLY C 81 24.05 2.54 -11.57
N GLU C 82 23.48 3.56 -12.21
CA GLU C 82 22.94 4.69 -11.47
C GLU C 82 21.95 5.49 -12.30
N VAL C 83 20.82 5.83 -11.69
CA VAL C 83 19.80 6.61 -12.34
C VAL C 83 20.24 8.08 -12.41
N ASN C 84 20.33 8.63 -13.62
CA ASN C 84 20.78 10.02 -13.74
C ASN C 84 19.66 11.03 -13.58
N GLN C 85 19.97 12.29 -13.84
CA GLN C 85 19.00 13.38 -13.65
C GLN C 85 17.80 13.30 -14.61
N HIS C 86 17.93 12.53 -15.68
CA HIS C 86 16.83 12.34 -16.64
C HIS C 86 16.02 11.09 -16.36
N GLY C 87 16.39 10.37 -15.30
CA GLY C 87 15.59 9.23 -14.86
C GLY C 87 15.91 7.98 -15.62
N ILE C 88 17.10 7.92 -16.18
CA ILE C 88 17.55 6.75 -16.90
C ILE C 88 18.72 6.11 -16.16
N ARG C 89 18.58 4.81 -15.86
CA ARG C 89 19.64 4.05 -15.23
C ARG C 89 20.77 3.83 -16.22
N VAL C 90 21.96 4.31 -15.90
CA VAL C 90 23.06 4.18 -16.84
C VAL C 90 24.28 3.54 -16.21
N TYR C 91 25.11 2.87 -17.01
CA TYR C 91 26.29 2.19 -16.48
C TYR C 91 27.57 2.73 -17.13
N GLY C 92 28.65 2.60 -16.40
CA GLY C 92 29.99 2.82 -16.87
C GLY C 92 30.34 4.09 -17.59
N ASP C 93 29.65 5.17 -17.28
CA ASP C 93 30.07 6.51 -17.67
C ASP C 93 28.99 7.38 -17.08
N ALA C 94 29.38 8.44 -16.48
CA ALA C 94 28.53 9.23 -15.66
C ALA C 94 27.45 8.36 -15.04
C1 GOL D . -10.49 12.30 -0.04
O1 GOL D . -10.57 12.40 -1.45
C2 GOL D . -10.87 10.91 0.48
O2 GOL D . -10.32 9.88 -0.32
C3 GOL D . -10.39 10.71 1.92
O3 GOL D . -11.47 10.41 2.77
C1 GOL E . -31.52 -7.97 -14.04
O1 GOL E . -32.93 -7.70 -13.86
C2 GOL E . -30.66 -6.77 -13.62
O2 GOL E . -29.70 -7.20 -12.67
C3 GOL E . -29.97 -6.08 -14.79
O3 GOL E . -28.73 -5.45 -14.45
O1 PG4 F . -21.25 1.40 4.84
C1 PG4 F . -19.95 0.87 4.76
C2 PG4 F . -19.78 0.05 3.53
O2 PG4 F . -18.76 0.62 2.70
C3 PG4 F . -17.59 -0.19 2.52
C4 PG4 F . -16.33 0.67 2.61
O3 PG4 F . -15.46 0.31 1.60
C5 PG4 F . -15.16 1.36 0.68
C6 PG4 F . -13.95 1.00 -0.11
O4 PG4 F . -13.56 2.12 -0.89
C7 PG4 F . -12.29 1.96 -1.48
C8 PG4 F . -11.45 3.10 -1.06
O5 PG4 F . -10.23 2.99 -1.73
BR BR G . -14.74 -10.00 1.54
BR BR H . -1.84 -5.80 3.35
BR BR I . -20.34 -0.13 -19.87
BR BR J . 7.04 -0.48 -3.92
BR BR K . 15.84 -2.80 -12.25
#